data_2A86
#
_entry.id   2A86
#
_cell.length_a   47.991
_cell.length_b   70.640
_cell.length_c   81.683
_cell.angle_alpha   90.00
_cell.angle_beta   99.21
_cell.angle_gamma   90.00
#
_symmetry.space_group_name_H-M   'P 1 21 1'
#
loop_
_entity.id
_entity.type
_entity.pdbx_description
1 polymer 'Pantoate--beta-alanine ligase'
2 non-polymer 'SULFATE ION'
3 non-polymer 'ADENOSINE MONOPHOSPHATE'
4 non-polymer BETA-ALANINE
5 non-polymer GLYCEROL
6 non-polymer ETHANOL
7 water water
#
_entity_poly.entity_id   1
_entity_poly.type   'polypeptide(L)'
_entity_poly.pdbx_seq_one_letter_code
;MAIPAFHPGELNVYSAPGDVADVSRALRLTGRRVMLVPTMGALHEGHLALVRAAKRVPGSVVVVSIFVNPMQFGAGGDLD
AYPRTPDDDLAQLRAEGVEIAFTPTTAAMYPDGLRTTVQPGPLAAELEGGPRPTHFAGVLTVVLKLLQIVRPDRVFFGEK
DYQQLVLIRQLVADFNLDVAVVGVPTVREADGLAMSSRNRYLDPAQRAAAVALSAALTAAAHAATAGAQAALDAARAVLD
AAPGVAVDYLELRDIGLGPMPLNGSGRLLVAARLGTTRLLDNIAIEIGTFAGTDRPDGYR
;
_entity_poly.pdbx_strand_id   A,B
#
# COMPACT_ATOMS: atom_id res chain seq x y z
N ILE A 3 -19.52 16.49 -1.50
CA ILE A 3 -20.45 15.41 -1.05
C ILE A 3 -21.67 15.25 -1.99
N PRO A 4 -21.91 14.04 -2.51
CA PRO A 4 -23.19 13.73 -3.18
C PRO A 4 -24.31 13.57 -2.14
N ALA A 5 -25.48 13.08 -2.54
CA ALA A 5 -26.57 12.90 -1.59
C ALA A 5 -26.21 11.83 -0.56
N PHE A 6 -26.47 12.13 0.71
CA PHE A 6 -26.52 11.08 1.71
C PHE A 6 -27.88 11.12 2.42
N HIS A 7 -28.64 10.03 2.34
CA HIS A 7 -29.93 9.95 3.05
C HIS A 7 -29.78 9.04 4.27
N PRO A 8 -29.72 9.64 5.46
CA PRO A 8 -29.52 8.88 6.71
C PRO A 8 -30.68 7.93 7.02
N GLY A 9 -30.35 6.78 7.59
CA GLY A 9 -31.34 5.76 7.91
C GLY A 9 -31.86 4.99 6.70
N GLU A 10 -31.26 5.23 5.55
CA GLU A 10 -31.59 4.57 4.29
C GLU A 10 -30.33 4.03 3.65
N LEU A 11 -30.48 3.08 2.73
CA LEU A 11 -29.30 2.59 2.03
C LEU A 11 -28.92 3.54 0.89
N ASN A 12 -27.71 4.05 0.97
CA ASN A 12 -27.15 4.90 -0.09
C ASN A 12 -26.14 4.06 -0.89
N VAL A 13 -26.28 4.03 -2.20
CA VAL A 13 -25.38 3.11 -3.03
C VAL A 13 -24.52 4.06 -3.84
N TYR A 14 -23.21 3.93 -3.69
CA TYR A 14 -22.25 4.74 -4.45
C TYR A 14 -21.34 3.83 -5.25
N SER A 15 -21.17 4.16 -6.52
CA SER A 15 -20.22 3.47 -7.32
C SER A 15 -18.89 4.22 -7.43
N ALA A 16 -18.92 5.55 -7.41
CA ALA A 16 -17.68 6.32 -7.65
C ALA A 16 -16.84 6.38 -6.40
N PRO A 17 -15.54 6.01 -6.48
CA PRO A 17 -14.66 6.10 -5.29
C PRO A 17 -14.74 7.50 -4.65
N GLY A 18 -14.72 8.56 -5.48
CA GLY A 18 -14.74 9.94 -4.98
C GLY A 18 -16.01 10.20 -4.19
N ASP A 19 -17.14 9.65 -4.64
CA ASP A 19 -18.41 9.86 -3.92
C ASP A 19 -18.36 9.28 -2.52
N VAL A 20 -17.99 8.01 -2.41
CA VAL A 20 -17.93 7.37 -1.10
C VAL A 20 -16.86 8.00 -0.21
N ALA A 21 -15.74 8.42 -0.81
CA ALA A 21 -14.66 9.04 -0.04
C ALA A 21 -15.14 10.37 0.58
N ASP A 22 -15.90 11.15 -0.20
CA ASP A 22 -16.41 12.45 0.26
C ASP A 22 -17.39 12.31 1.40
N VAL A 23 -18.31 11.37 1.22
CA VAL A 23 -19.36 11.05 2.16
C VAL A 23 -18.72 10.53 3.44
N SER A 24 -17.78 9.57 3.30
CA SER A 24 -17.07 9.05 4.46
C SER A 24 -16.34 10.15 5.28
N ARG A 25 -15.64 11.05 4.59
CA ARG A 25 -14.96 12.17 5.21
C ARG A 25 -15.95 13.05 5.94
N ALA A 26 -17.08 13.33 5.31
CA ALA A 26 -18.05 14.25 5.87
C ALA A 26 -18.60 13.63 7.16
N LEU A 27 -18.84 12.32 7.14
CA LEU A 27 -19.35 11.59 8.32
C LEU A 27 -18.34 11.60 9.45
N ARG A 28 -17.12 11.19 9.11
CA ARG A 28 -16.01 11.23 10.04
C ARG A 28 -15.83 12.65 10.67
N LEU A 29 -15.87 13.71 9.87
CA LEU A 29 -15.72 15.08 10.45
C LEU A 29 -16.82 15.49 11.41
N THR A 30 -17.97 14.81 11.34
CA THR A 30 -19.06 15.13 12.26
C THR A 30 -19.20 14.15 13.38
N GLY A 31 -18.16 13.35 13.60
CA GLY A 31 -18.11 12.48 14.76
C GLY A 31 -18.66 11.07 14.62
N ARG A 32 -19.13 10.67 13.44
CA ARG A 32 -19.55 9.27 13.27
C ARG A 32 -18.29 8.42 13.04
N ARG A 33 -18.28 7.18 13.51
CA ARG A 33 -17.14 6.29 13.26
C ARG A 33 -17.46 5.37 12.09
N VAL A 34 -16.61 5.40 11.08
CA VAL A 34 -16.94 4.76 9.86
C VAL A 34 -16.40 3.31 9.94
N MET A 35 -17.30 2.35 9.74
CA MET A 35 -16.95 0.91 9.76
C MET A 35 -16.95 0.39 8.35
N LEU A 36 -15.92 -0.38 7.96
CA LEU A 36 -15.86 -0.93 6.61
C LEU A 36 -15.93 -2.46 6.62
N VAL A 37 -16.83 -3.00 5.81
CA VAL A 37 -16.97 -4.45 5.63
C VAL A 37 -16.76 -4.85 4.13
N PRO A 38 -15.54 -5.25 3.75
CA PRO A 38 -15.27 -5.66 2.38
C PRO A 38 -15.88 -7.01 2.08
N THR A 39 -16.65 -7.05 1.00
CA THR A 39 -17.19 -8.29 0.46
C THR A 39 -17.09 -8.39 -1.06
N MET A 40 -17.28 -9.60 -1.54
CA MET A 40 -17.47 -9.83 -2.97
C MET A 40 -18.92 -10.12 -3.31
N GLY A 41 -19.82 -9.61 -2.49
CA GLY A 41 -21.25 -9.87 -2.72
C GLY A 41 -21.75 -11.31 -2.57
N ALA A 42 -22.89 -11.60 -3.22
CA ALA A 42 -23.59 -12.88 -3.02
C ALA A 42 -23.72 -13.12 -1.49
N LEU A 43 -24.32 -12.13 -0.81
CA LEU A 43 -24.28 -12.07 0.64
C LEU A 43 -25.11 -13.19 1.30
N HIS A 44 -24.58 -13.69 2.41
CA HIS A 44 -25.25 -14.69 3.22
C HIS A 44 -25.02 -14.32 4.70
N GLU A 45 -25.48 -15.17 5.62
CA GLU A 45 -25.48 -14.84 7.05
C GLU A 45 -24.06 -14.68 7.60
N GLY A 46 -23.07 -15.29 6.95
CA GLY A 46 -21.68 -15.08 7.32
C GLY A 46 -21.28 -13.60 7.16
N HIS A 47 -21.63 -13.04 6.01
CA HIS A 47 -21.38 -11.63 5.75
C HIS A 47 -22.18 -10.83 6.75
N LEU A 48 -23.42 -11.26 7.07
CA LEU A 48 -24.23 -10.41 7.95
C LEU A 48 -23.70 -10.36 9.40
N ALA A 49 -22.98 -11.40 9.81
CA ALA A 49 -22.32 -11.35 11.12
C ALA A 49 -21.31 -10.21 11.17
N LEU A 50 -20.58 -9.99 10.07
CA LEU A 50 -19.62 -8.86 10.01
C LEU A 50 -20.38 -7.51 10.01
N VAL A 51 -21.46 -7.44 9.22
CA VAL A 51 -22.31 -6.25 9.20
C VAL A 51 -22.82 -5.92 10.62
N ARG A 52 -23.35 -6.93 11.32
CA ARG A 52 -23.87 -6.70 12.64
C ARG A 52 -22.79 -6.29 13.65
N ALA A 53 -21.61 -6.92 13.56
CA ALA A 53 -20.47 -6.54 14.41
C ALA A 53 -20.12 -5.08 14.20
N ALA A 54 -20.11 -4.64 12.94
CA ALA A 54 -19.83 -3.26 12.58
C ALA A 54 -20.93 -2.38 13.16
N LYS A 55 -22.18 -2.85 13.03
CA LYS A 55 -23.34 -2.05 13.44
C LYS A 55 -23.35 -1.73 14.89
N ARG A 56 -22.91 -2.68 15.70
CA ARG A 56 -22.98 -2.51 17.12
C ARG A 56 -21.90 -1.56 17.68
N VAL A 57 -20.94 -1.14 16.85
CA VAL A 57 -20.01 -0.12 17.30
C VAL A 57 -20.77 1.22 17.53
N PRO A 58 -20.73 1.74 18.75
CA PRO A 58 -21.52 2.94 19.06
C PRO A 58 -21.16 4.10 18.13
N GLY A 59 -22.16 4.82 17.60
CA GLY A 59 -21.90 5.94 16.69
C GLY A 59 -21.46 5.50 15.27
N SER A 60 -21.55 4.22 14.98
CA SER A 60 -21.04 3.67 13.71
C SER A 60 -21.89 4.16 12.54
N VAL A 61 -21.22 4.42 11.41
CA VAL A 61 -21.87 4.29 10.11
C VAL A 61 -21.22 3.14 9.34
N VAL A 62 -22.04 2.27 8.74
CA VAL A 62 -21.50 1.05 8.16
C VAL A 62 -21.40 1.18 6.63
N VAL A 63 -20.18 0.95 6.12
CA VAL A 63 -19.96 0.88 4.71
C VAL A 63 -19.64 -0.57 4.34
N VAL A 64 -20.49 -1.14 3.51
CA VAL A 64 -20.26 -2.48 2.99
C VAL A 64 -19.82 -2.30 1.56
N SER A 65 -18.60 -2.75 1.25
CA SER A 65 -18.18 -2.72 -0.15
C SER A 65 -18.54 -4.05 -0.77
N ILE A 66 -19.00 -3.97 -2.02
CA ILE A 66 -19.26 -5.12 -2.87
C ILE A 66 -18.51 -4.97 -4.18
N PHE A 67 -17.58 -5.89 -4.40
CA PHE A 67 -16.65 -5.76 -5.54
C PHE A 67 -15.99 -7.10 -5.79
N VAL A 68 -16.34 -7.71 -6.94
CA VAL A 68 -15.73 -9.00 -7.30
C VAL A 68 -14.39 -8.66 -7.93
N ASN A 69 -13.35 -8.64 -7.10
CA ASN A 69 -12.07 -7.99 -7.48
C ASN A 69 -11.30 -8.81 -8.52
N PRO A 70 -11.17 -8.38 -9.78
CA PRO A 70 -10.52 -9.27 -10.76
C PRO A 70 -9.08 -9.63 -10.39
N MET A 71 -8.41 -8.77 -9.65
CA MET A 71 -6.98 -8.94 -9.47
C MET A 71 -6.67 -10.17 -8.62
N GLN A 72 -7.61 -10.60 -7.78
CA GLN A 72 -7.36 -11.77 -6.92
C GLN A 72 -7.83 -13.10 -7.52
N PHE A 73 -8.29 -13.01 -8.76
CA PHE A 73 -8.63 -14.19 -9.56
C PHE A 73 -7.52 -14.53 -10.55
N GLY A 74 -7.17 -15.80 -10.60
CA GLY A 74 -6.32 -16.29 -11.70
C GLY A 74 -7.22 -16.60 -12.87
N ALA A 75 -6.77 -16.29 -14.08
CA ALA A 75 -7.47 -16.60 -15.33
C ALA A 75 -7.92 -18.09 -15.41
N GLY A 76 -8.89 -18.38 -16.28
CA GLY A 76 -9.48 -19.72 -16.38
C GLY A 76 -10.94 -19.77 -15.91
N GLY A 77 -11.62 -18.61 -15.96
CA GLY A 77 -13.07 -18.56 -15.81
C GLY A 77 -13.60 -18.46 -14.40
N ASP A 78 -12.69 -18.56 -13.42
CA ASP A 78 -13.04 -18.31 -12.02
C ASP A 78 -13.76 -16.98 -11.82
N LEU A 79 -13.26 -15.92 -12.46
CA LEU A 79 -13.88 -14.59 -12.30
C LEU A 79 -15.28 -14.55 -12.90
N ASP A 80 -15.41 -15.06 -14.12
CA ASP A 80 -16.76 -15.09 -14.75
C ASP A 80 -17.75 -15.96 -14.00
N ALA A 81 -17.24 -17.04 -13.40
CA ALA A 81 -18.04 -18.00 -12.64
C ALA A 81 -18.44 -17.53 -11.24
N TYR A 82 -17.82 -16.46 -10.70
CA TYR A 82 -18.14 -16.03 -9.34
C TYR A 82 -19.62 -15.61 -9.26
N PRO A 83 -20.37 -16.01 -8.21
CA PRO A 83 -21.83 -15.72 -8.20
C PRO A 83 -22.11 -14.25 -7.99
N ARG A 84 -23.09 -13.74 -8.72
CA ARG A 84 -23.45 -12.35 -8.58
C ARG A 84 -24.97 -12.25 -8.39
N THR A 85 -25.39 -11.67 -7.26
CA THR A 85 -26.82 -11.54 -6.94
C THR A 85 -27.02 -10.13 -6.37
N PRO A 86 -26.78 -9.10 -7.18
CA PRO A 86 -26.83 -7.70 -6.67
C PRO A 86 -28.13 -7.32 -5.99
N ASP A 87 -29.27 -7.75 -6.57
CA ASP A 87 -30.57 -7.35 -6.01
C ASP A 87 -30.82 -7.95 -4.64
N ASP A 88 -30.52 -9.23 -4.47
CA ASP A 88 -30.65 -9.83 -3.15
C ASP A 88 -29.64 -9.16 -2.19
N ASP A 89 -28.44 -8.80 -2.68
CA ASP A 89 -27.40 -8.23 -1.77
C ASP A 89 -27.93 -6.90 -1.21
N LEU A 90 -28.39 -6.01 -2.08
CA LEU A 90 -28.87 -4.69 -1.59
C LEU A 90 -30.09 -4.83 -0.66
N ALA A 91 -30.98 -5.78 -0.97
CA ALA A 91 -32.15 -6.09 -0.13
C ALA A 91 -31.74 -6.51 1.29
N GLN A 92 -30.73 -7.39 1.36
CA GLN A 92 -30.21 -7.77 2.67
C GLN A 92 -29.60 -6.59 3.42
N LEU A 93 -28.88 -5.73 2.70
CA LEU A 93 -28.26 -4.58 3.36
C LEU A 93 -29.32 -3.61 3.90
N ARG A 94 -30.37 -3.39 3.10
CA ARG A 94 -31.49 -2.59 3.58
C ARG A 94 -32.10 -3.18 4.85
N ALA A 95 -32.31 -4.50 4.85
CA ALA A 95 -32.91 -5.20 5.99
C ALA A 95 -32.02 -5.09 7.25
N GLU A 96 -30.72 -5.03 7.04
CA GLU A 96 -29.83 -4.85 8.15
C GLU A 96 -29.64 -3.42 8.69
N GLY A 97 -30.20 -2.40 8.01
CA GLY A 97 -30.06 -1.02 8.49
C GLY A 97 -28.72 -0.37 8.06
N VAL A 98 -28.09 -0.93 7.03
CA VAL A 98 -26.79 -0.43 6.57
C VAL A 98 -27.04 0.83 5.80
N GLU A 99 -26.21 1.82 5.99
CA GLU A 99 -26.49 3.07 5.31
C GLU A 99 -25.73 3.31 4.05
N ILE A 100 -24.62 2.59 3.87
CA ILE A 100 -23.78 2.79 2.67
C ILE A 100 -23.35 1.45 2.06
N ALA A 101 -23.65 1.30 0.76
CA ALA A 101 -23.10 0.23 -0.03
C ALA A 101 -22.10 0.87 -1.03
N PHE A 102 -20.89 0.37 -1.10
CA PHE A 102 -19.93 0.93 -2.04
C PHE A 102 -19.72 -0.14 -3.17
N THR A 103 -20.12 0.17 -4.36
CA THR A 103 -20.15 -0.88 -5.45
C THR A 103 -19.35 -0.35 -6.64
N PRO A 104 -18.02 -0.27 -6.52
CA PRO A 104 -17.21 0.33 -7.57
C PRO A 104 -17.17 -0.50 -8.87
N THR A 105 -16.92 0.16 -9.99
CA THR A 105 -16.70 -0.59 -11.21
C THR A 105 -15.22 -0.97 -11.29
N THR A 106 -14.93 -1.91 -12.18
CA THR A 106 -13.57 -2.32 -12.46
C THR A 106 -12.73 -1.17 -12.98
N ALA A 107 -13.31 -0.36 -13.85
CA ALA A 107 -12.57 0.76 -14.48
C ALA A 107 -12.24 1.80 -13.42
N ALA A 108 -13.16 2.03 -12.46
CA ALA A 108 -12.88 3.03 -11.42
C ALA A 108 -11.76 2.56 -10.43
N MET A 109 -11.65 1.24 -10.19
CA MET A 109 -10.62 0.69 -9.29
C MET A 109 -9.27 0.46 -9.98
N TYR A 110 -9.31 0.13 -11.27
CA TYR A 110 -8.12 -0.21 -12.03
C TYR A 110 -8.00 0.62 -13.31
N PRO A 111 -8.03 1.94 -13.22
CA PRO A 111 -8.04 2.74 -14.43
C PRO A 111 -6.69 2.61 -15.19
N ASP A 112 -5.64 2.20 -14.46
CA ASP A 112 -4.35 2.09 -15.10
C ASP A 112 -3.91 0.63 -15.18
N GLY A 113 -4.88 -0.29 -15.10
CA GLY A 113 -4.55 -1.72 -15.12
C GLY A 113 -3.78 -2.06 -13.85
N LEU A 114 -2.86 -3.02 -13.96
CA LEU A 114 -2.04 -3.38 -12.82
C LEU A 114 -0.76 -2.59 -12.93
N ARG A 115 -0.60 -1.59 -12.06
CA ARG A 115 0.63 -0.76 -12.08
C ARG A 115 1.29 -0.90 -10.70
N THR A 116 1.10 0.05 -9.78
CA THR A 116 1.63 -0.11 -8.41
C THR A 116 0.73 -1.17 -7.73
N THR A 117 1.35 -2.17 -7.12
CA THR A 117 0.59 -3.19 -6.39
C THR A 117 1.22 -3.50 -5.05
N VAL A 118 0.49 -4.26 -4.24
CA VAL A 118 1.05 -4.67 -2.94
C VAL A 118 1.69 -6.04 -3.12
N GLN A 119 2.92 -6.16 -2.66
CA GLN A 119 3.59 -7.44 -2.59
C GLN A 119 3.50 -8.02 -1.17
N PRO A 120 2.68 -9.03 -0.92
CA PRO A 120 2.56 -9.57 0.46
C PRO A 120 3.88 -10.25 0.89
N GLY A 121 4.02 -10.57 2.16
CA GLY A 121 5.20 -11.34 2.61
C GLY A 121 5.03 -12.81 2.26
N PRO A 122 5.97 -13.63 2.72
CA PRO A 122 6.05 -15.05 2.33
C PRO A 122 4.83 -15.87 2.69
N LEU A 123 4.03 -15.42 3.64
CA LEU A 123 2.78 -16.15 3.99
C LEU A 123 1.87 -16.28 2.74
N ALA A 124 1.96 -15.33 1.82
CA ALA A 124 1.06 -15.34 0.65
C ALA A 124 1.36 -16.50 -0.34
N ALA A 125 2.54 -17.12 -0.21
CA ALA A 125 2.97 -18.21 -1.12
C ALA A 125 2.55 -19.58 -0.57
N GLU A 126 1.91 -19.60 0.58
CA GLU A 126 1.59 -20.89 1.24
C GLU A 126 0.09 -21.10 1.38
N LEU A 127 -0.30 -22.32 1.77
CA LEU A 127 -1.70 -22.70 1.93
C LEU A 127 -2.49 -22.27 0.65
N GLU A 128 -3.44 -21.35 0.75
CA GLU A 128 -4.23 -20.93 -0.43
C GLU A 128 -3.37 -20.33 -1.54
N GLY A 129 -2.22 -19.81 -1.19
CA GLY A 129 -1.36 -19.08 -2.16
C GLY A 129 -0.41 -20.01 -2.90
N GLY A 130 -0.25 -21.22 -2.40
CA GLY A 130 0.74 -22.15 -2.98
C GLY A 130 0.61 -22.24 -4.51
N PRO A 131 -0.56 -22.68 -4.94
CA PRO A 131 -0.91 -22.79 -6.35
C PRO A 131 -1.59 -21.54 -6.98
N ARG A 132 -1.71 -20.47 -6.21
CA ARG A 132 -2.33 -19.26 -6.70
C ARG A 132 -1.42 -18.19 -6.18
N PRO A 133 -0.23 -18.10 -6.75
CA PRO A 133 0.81 -17.26 -6.22
C PRO A 133 0.49 -15.77 -6.30
N THR A 134 -0.54 -15.36 -7.05
CA THR A 134 -0.84 -13.91 -7.12
C THR A 134 -2.11 -13.55 -6.39
N HIS A 135 -2.80 -14.54 -5.83
CA HIS A 135 -4.10 -14.32 -5.25
C HIS A 135 -4.03 -13.24 -4.13
N PHE A 136 -3.09 -13.41 -3.19
CA PHE A 136 -3.09 -12.49 -2.02
C PHE A 136 -2.54 -11.07 -2.33
N ALA A 137 -1.64 -10.95 -3.32
CA ALA A 137 -1.30 -9.62 -3.86
C ALA A 137 -2.60 -8.94 -4.32
N GLY A 138 -3.44 -9.67 -5.09
CA GLY A 138 -4.78 -9.13 -5.49
C GLY A 138 -5.62 -8.66 -4.30
N VAL A 139 -5.74 -9.51 -3.27
CA VAL A 139 -6.52 -9.18 -2.06
C VAL A 139 -5.93 -7.95 -1.35
N LEU A 140 -4.62 -7.97 -1.09
CA LEU A 140 -4.02 -6.90 -0.31
C LEU A 140 -4.04 -5.59 -1.09
N THR A 141 -3.86 -5.66 -2.40
CA THR A 141 -3.98 -4.44 -3.23
C THR A 141 -5.39 -3.84 -3.14
N VAL A 142 -6.42 -4.65 -3.33
CA VAL A 142 -7.76 -4.06 -3.30
C VAL A 142 -8.10 -3.57 -1.91
N VAL A 143 -7.70 -4.33 -0.88
CA VAL A 143 -8.03 -3.88 0.48
C VAL A 143 -7.33 -2.63 0.85
N LEU A 144 -6.06 -2.47 0.43
CA LEU A 144 -5.37 -1.24 0.70
C LEU A 144 -6.17 -0.09 0.06
N LYS A 145 -6.61 -0.27 -1.17
CA LYS A 145 -7.30 0.80 -1.91
C LYS A 145 -8.62 1.18 -1.24
N LEU A 146 -9.36 0.14 -0.84
CA LEU A 146 -10.62 0.33 -0.13
C LEU A 146 -10.41 1.10 1.18
N LEU A 147 -9.34 0.76 1.91
CA LEU A 147 -9.01 1.43 3.18
C LEU A 147 -8.67 2.90 2.92
N GLN A 148 -7.99 3.16 1.79
CA GLN A 148 -7.65 4.56 1.48
C GLN A 148 -8.85 5.36 1.00
N ILE A 149 -9.75 4.72 0.29
CA ILE A 149 -10.93 5.40 -0.29
C ILE A 149 -11.87 5.75 0.87
N VAL A 150 -12.14 4.74 1.69
CA VAL A 150 -13.18 4.84 2.75
C VAL A 150 -12.61 5.40 4.06
N ARG A 151 -11.33 5.13 4.34
CA ARG A 151 -10.70 5.57 5.62
C ARG A 151 -11.53 5.25 6.87
N PRO A 152 -11.86 3.97 7.03
CA PRO A 152 -12.67 3.57 8.17
C PRO A 152 -11.82 3.60 9.46
N ASP A 153 -12.50 3.73 10.57
CA ASP A 153 -11.88 3.50 11.89
C ASP A 153 -11.56 2.06 12.17
N ARG A 154 -12.47 1.20 11.72
CA ARG A 154 -12.29 -0.26 11.85
C ARG A 154 -12.72 -0.96 10.55
N VAL A 155 -12.06 -2.05 10.26
CA VAL A 155 -12.35 -2.89 9.10
C VAL A 155 -12.56 -4.32 9.60
N PHE A 156 -13.60 -4.97 9.06
CA PHE A 156 -14.11 -6.25 9.58
C PHE A 156 -13.79 -7.37 8.58
N PHE A 157 -13.14 -8.44 9.05
CA PHE A 157 -12.84 -9.61 8.25
C PHE A 157 -13.24 -10.89 9.01
N GLY A 158 -13.75 -11.89 8.27
CA GLY A 158 -14.15 -13.17 8.87
C GLY A 158 -12.98 -14.07 9.21
N GLU A 159 -13.07 -14.76 10.34
CA GLU A 159 -12.12 -15.83 10.61
C GLU A 159 -12.25 -16.95 9.60
N LYS A 160 -13.39 -17.02 8.93
CA LYS A 160 -13.57 -17.99 7.82
C LYS A 160 -12.39 -18.02 6.83
N ASP A 161 -11.91 -16.84 6.44
CA ASP A 161 -10.76 -16.73 5.60
C ASP A 161 -9.61 -16.32 6.48
N TYR A 162 -9.13 -17.29 7.29
CA TYR A 162 -8.23 -16.93 8.37
C TYR A 162 -6.89 -16.49 7.78
N GLN A 163 -6.43 -17.12 6.71
CA GLN A 163 -5.10 -16.73 6.17
C GLN A 163 -5.21 -15.28 5.61
N GLN A 164 -6.32 -14.98 4.97
CA GLN A 164 -6.60 -13.61 4.53
C GLN A 164 -6.56 -12.61 5.69
N LEU A 165 -7.22 -12.97 6.79
CA LEU A 165 -7.31 -12.12 8.00
C LEU A 165 -5.91 -11.81 8.56
N VAL A 166 -5.08 -12.84 8.64
CA VAL A 166 -3.70 -12.70 9.13
C VAL A 166 -2.98 -11.77 8.17
N LEU A 167 -3.17 -11.96 6.87
CA LEU A 167 -2.42 -11.13 5.91
C LEU A 167 -2.89 -9.69 5.95
N ILE A 168 -4.17 -9.49 6.20
CA ILE A 168 -4.62 -8.11 6.41
C ILE A 168 -3.97 -7.48 7.62
N ARG A 169 -3.80 -8.23 8.73
CA ARG A 169 -3.13 -7.68 9.90
C ARG A 169 -1.71 -7.33 9.54
N GLN A 170 -1.03 -8.17 8.74
CA GLN A 170 0.33 -7.84 8.30
C GLN A 170 0.35 -6.56 7.47
N LEU A 171 -0.58 -6.46 6.54
CA LEU A 171 -0.70 -5.23 5.72
C LEU A 171 -0.82 -4.00 6.60
N VAL A 172 -1.75 -4.03 7.57
CA VAL A 172 -2.01 -2.89 8.45
C VAL A 172 -0.79 -2.53 9.31
N ALA A 173 -0.14 -3.56 9.87
CA ALA A 173 1.07 -3.36 10.67
C ALA A 173 2.20 -2.77 9.80
N ASP A 174 2.48 -3.43 8.67
CA ASP A 174 3.67 -3.16 7.87
C ASP A 174 3.62 -1.82 7.12
N PHE A 175 2.42 -1.39 6.75
CA PHE A 175 2.24 -0.07 6.13
C PHE A 175 1.80 1.03 7.14
N ASN A 176 1.83 0.74 8.44
CA ASN A 176 1.45 1.74 9.49
C ASN A 176 0.04 2.32 9.24
N LEU A 177 -0.86 1.49 8.75
CA LEU A 177 -2.27 1.95 8.57
C LEU A 177 -3.02 2.20 9.91
N ASP A 178 -3.71 3.34 9.95
CA ASP A 178 -4.38 3.79 11.16
C ASP A 178 -5.82 3.26 11.13
N VAL A 179 -5.98 1.95 11.21
CA VAL A 179 -7.28 1.28 11.18
C VAL A 179 -7.13 0.09 12.12
N ALA A 180 -8.18 -0.23 12.87
CA ALA A 180 -8.31 -1.47 13.69
C ALA A 180 -8.91 -2.61 12.83
N VAL A 181 -8.22 -3.75 12.81
CA VAL A 181 -8.72 -4.92 12.09
C VAL A 181 -9.50 -5.78 13.09
N VAL A 182 -10.78 -6.05 12.79
CA VAL A 182 -11.63 -6.82 13.69
C VAL A 182 -11.92 -8.14 13.00
N GLY A 183 -11.46 -9.23 13.64
CA GLY A 183 -11.78 -10.57 13.18
C GLY A 183 -13.13 -10.98 13.74
N VAL A 184 -13.97 -11.57 12.90
CA VAL A 184 -15.32 -11.99 13.29
C VAL A 184 -15.41 -13.54 13.13
N PRO A 185 -15.90 -14.22 14.18
CA PRO A 185 -15.97 -15.69 14.20
C PRO A 185 -16.80 -16.27 13.08
N THR A 186 -16.39 -17.43 12.62
CA THR A 186 -17.03 -18.09 11.49
C THR A 186 -18.51 -18.49 11.76
N VAL A 187 -19.35 -18.11 10.83
CA VAL A 187 -20.78 -18.43 10.88
C VAL A 187 -20.99 -19.75 10.20
N ARG A 188 -21.69 -20.66 10.90
CA ARG A 188 -21.94 -22.04 10.40
C ARG A 188 -23.42 -22.40 10.27
N GLU A 189 -23.72 -23.27 9.32
CA GLU A 189 -25.03 -23.91 9.21
C GLU A 189 -25.26 -24.75 10.47
N ALA A 190 -26.50 -25.23 10.63
CA ALA A 190 -26.88 -26.02 11.83
C ALA A 190 -25.99 -27.22 12.04
N ASP A 191 -25.56 -27.88 10.96
CA ASP A 191 -24.68 -29.02 11.11
C ASP A 191 -23.18 -28.73 11.28
N GLY A 192 -22.78 -27.44 11.22
CA GLY A 192 -21.36 -27.11 11.28
C GLY A 192 -20.76 -26.56 9.98
N LEU A 193 -21.38 -26.80 8.81
CA LEU A 193 -20.84 -26.31 7.54
C LEU A 193 -20.58 -24.78 7.60
N ALA A 194 -19.33 -24.36 7.40
CA ALA A 194 -18.98 -22.92 7.34
C ALA A 194 -19.76 -22.30 6.18
N MET A 195 -20.49 -21.20 6.42
CA MET A 195 -21.23 -20.57 5.33
C MET A 195 -20.28 -19.98 4.31
N SER A 196 -20.60 -20.13 3.03
CA SER A 196 -19.78 -19.52 1.97
C SER A 196 -20.65 -19.35 0.75
N SER A 197 -20.32 -18.36 -0.08
CA SER A 197 -21.07 -18.13 -1.35
C SER A 197 -20.87 -19.32 -2.30
N ARG A 198 -19.82 -20.11 -2.07
CA ARG A 198 -19.62 -21.27 -2.95
C ARG A 198 -20.40 -22.52 -2.57
N ASN A 199 -21.00 -22.52 -1.38
CA ASN A 199 -21.79 -23.69 -0.95
C ASN A 199 -22.96 -24.03 -1.89
N ARG A 200 -23.44 -23.04 -2.64
CA ARG A 200 -24.51 -23.21 -3.62
C ARG A 200 -24.11 -24.21 -4.74
N TYR A 201 -22.79 -24.46 -4.88
CA TYR A 201 -22.31 -25.42 -5.89
C TYR A 201 -22.21 -26.89 -5.44
N LEU A 202 -22.63 -27.15 -4.21
CA LEU A 202 -22.73 -28.50 -3.71
C LEU A 202 -24.09 -29.04 -3.99
N ASP A 203 -24.14 -30.17 -4.69
CA ASP A 203 -25.38 -30.89 -4.92
C ASP A 203 -25.77 -31.55 -3.58
N PRO A 204 -26.96 -32.14 -3.49
CA PRO A 204 -27.41 -32.77 -2.23
C PRO A 204 -26.38 -33.68 -1.57
N ALA A 205 -25.78 -34.56 -2.36
CA ALA A 205 -24.84 -35.52 -1.82
C ALA A 205 -23.60 -34.84 -1.29
N GLN A 206 -23.07 -33.90 -2.08
CA GLN A 206 -21.86 -33.18 -1.70
C GLN A 206 -22.14 -32.34 -0.46
N ARG A 207 -23.34 -31.77 -0.39
CA ARG A 207 -23.74 -31.01 0.79
C ARG A 207 -23.68 -31.91 2.04
N ALA A 208 -24.16 -33.15 1.90
CA ALA A 208 -24.16 -34.08 3.04
C ALA A 208 -22.74 -34.39 3.41
N ALA A 209 -21.89 -34.68 2.41
CA ALA A 209 -20.49 -35.07 2.69
C ALA A 209 -19.68 -33.92 3.30
N ALA A 210 -20.03 -32.68 2.92
CA ALA A 210 -19.25 -31.50 3.30
C ALA A 210 -19.24 -31.21 4.80
N VAL A 211 -20.17 -31.79 5.56
CA VAL A 211 -20.14 -31.64 7.03
C VAL A 211 -18.81 -32.15 7.63
N ALA A 212 -18.14 -33.02 6.89
CA ALA A 212 -16.91 -33.64 7.36
C ALA A 212 -15.81 -32.63 7.65
N LEU A 213 -15.77 -31.51 6.94
CA LEU A 213 -14.70 -30.56 7.23
C LEU A 213 -14.84 -30.03 8.65
N SER A 214 -16.01 -29.48 8.99
CA SER A 214 -16.21 -28.93 10.34
C SER A 214 -16.19 -30.07 11.38
N ALA A 215 -16.72 -31.24 11.05
CA ALA A 215 -16.66 -32.37 12.00
C ALA A 215 -15.21 -32.76 12.28
N ALA A 216 -14.38 -32.80 11.24
CA ALA A 216 -12.94 -33.09 11.41
C ALA A 216 -12.25 -32.06 12.31
N LEU A 217 -12.50 -30.79 12.05
CA LEU A 217 -11.88 -29.73 12.82
C LEU A 217 -12.29 -29.76 14.23
N THR A 218 -13.59 -29.92 14.49
CA THR A 218 -14.03 -29.92 15.89
C THR A 218 -13.60 -31.16 16.62
N ALA A 219 -13.57 -32.29 15.91
CA ALA A 219 -12.97 -33.52 16.51
C ALA A 219 -11.52 -33.26 16.92
N ALA A 220 -10.77 -32.64 16.03
CA ALA A 220 -9.36 -32.31 16.25
C ALA A 220 -9.21 -31.40 17.46
N ALA A 221 -10.07 -30.37 17.52
CA ALA A 221 -10.02 -29.39 18.65
C ALA A 221 -10.15 -30.10 19.97
N HIS A 222 -10.99 -31.14 20.03
CA HIS A 222 -11.17 -31.88 21.26
C HIS A 222 -10.09 -32.92 21.52
N ALA A 223 -9.62 -33.57 20.45
CA ALA A 223 -8.53 -34.55 20.52
C ALA A 223 -7.20 -33.94 20.99
N ALA A 224 -7.06 -32.63 20.78
CA ALA A 224 -5.81 -31.89 21.01
C ALA A 224 -5.31 -31.90 22.45
N THR A 225 -6.15 -32.29 23.43
CA THR A 225 -5.64 -32.54 24.82
C THR A 225 -4.53 -33.58 24.82
N ALA A 226 -4.60 -34.51 23.86
CA ALA A 226 -3.67 -35.60 23.71
C ALA A 226 -2.53 -35.24 22.74
N GLY A 227 -2.47 -33.99 22.26
CA GLY A 227 -1.32 -33.54 21.46
C GLY A 227 -1.62 -33.33 19.99
N ALA A 228 -0.62 -32.82 19.26
CA ALA A 228 -0.81 -32.42 17.87
C ALA A 228 -1.09 -33.64 17.00
N GLN A 229 -0.33 -34.72 17.21
CA GLN A 229 -0.48 -35.90 16.35
C GLN A 229 -1.93 -36.46 16.49
N ALA A 230 -2.42 -36.54 17.74
CA ALA A 230 -3.78 -37.02 18.03
C ALA A 230 -4.81 -36.12 17.35
N ALA A 231 -4.61 -34.80 17.44
CA ALA A 231 -5.53 -33.83 16.77
C ALA A 231 -5.54 -34.01 15.25
N LEU A 232 -4.34 -34.03 14.63
CA LEU A 232 -4.28 -34.26 13.19
C LEU A 232 -4.88 -35.60 12.74
N ASP A 233 -4.58 -36.66 13.48
CA ASP A 233 -5.05 -38.00 13.03
C ASP A 233 -6.58 -38.10 13.23
N ALA A 234 -7.13 -37.46 14.30
CA ALA A 234 -8.61 -37.38 14.46
C ALA A 234 -9.25 -36.75 13.21
N ALA A 235 -8.69 -35.63 12.78
CA ALA A 235 -9.22 -34.88 11.63
C ALA A 235 -9.10 -35.74 10.38
N ARG A 236 -7.96 -36.39 10.21
CA ARG A 236 -7.76 -37.22 9.01
C ARG A 236 -8.75 -38.38 8.93
N ALA A 237 -9.03 -38.99 10.09
CA ALA A 237 -9.94 -40.10 10.16
C ALA A 237 -11.37 -39.69 9.71
N VAL A 238 -11.81 -38.52 10.13
CA VAL A 238 -13.14 -38.04 9.74
C VAL A 238 -13.14 -37.72 8.23
N LEU A 239 -12.10 -37.04 7.78
CA LEU A 239 -12.01 -36.71 6.33
C LEU A 239 -11.97 -37.95 5.44
N ASP A 240 -11.13 -38.90 5.82
CA ASP A 240 -11.08 -40.23 5.22
C ASP A 240 -12.40 -40.99 5.18
N ALA A 241 -13.28 -40.75 6.15
CA ALA A 241 -14.52 -41.52 6.20
C ALA A 241 -15.55 -40.92 5.25
N ALA A 242 -15.20 -39.76 4.68
CA ALA A 242 -16.14 -38.91 3.94
C ALA A 242 -16.11 -39.17 2.45
N PRO A 243 -17.28 -39.49 1.88
CA PRO A 243 -17.36 -39.94 0.50
C PRO A 243 -17.12 -38.80 -0.48
N GLY A 244 -16.05 -38.87 -1.27
CA GLY A 244 -15.82 -37.86 -2.31
C GLY A 244 -15.34 -36.50 -1.83
N VAL A 245 -14.68 -36.48 -0.68
CA VAL A 245 -13.97 -35.29 -0.21
C VAL A 245 -12.50 -35.50 -0.58
N ALA A 246 -11.98 -34.63 -1.44
CA ALA A 246 -10.56 -34.70 -1.78
C ALA A 246 -9.77 -33.61 -1.05
N VAL A 247 -9.00 -33.99 -0.04
CA VAL A 247 -8.25 -33.02 0.74
C VAL A 247 -7.10 -32.45 -0.06
N ASP A 248 -7.05 -31.13 -0.14
CA ASP A 248 -5.94 -30.39 -0.70
C ASP A 248 -4.84 -30.21 0.40
N TYR A 249 -5.20 -29.63 1.54
CA TYR A 249 -4.27 -29.57 2.70
C TYR A 249 -5.01 -29.64 4.05
N LEU A 250 -4.31 -30.07 5.10
CA LEU A 250 -4.79 -30.05 6.45
C LEU A 250 -3.55 -29.73 7.28
N GLU A 251 -3.51 -28.54 7.87
CA GLU A 251 -2.26 -28.14 8.54
C GLU A 251 -2.58 -27.45 9.80
N LEU A 252 -1.74 -27.73 10.78
CA LEU A 252 -1.81 -27.13 12.09
C LEU A 252 -0.66 -26.20 12.19
N ARG A 253 -0.98 -24.93 12.43
CA ARG A 253 0.05 -23.91 12.50
C ARG A 253 -0.10 -23.05 13.73
N ASP A 254 0.98 -22.33 14.03
CA ASP A 254 0.89 -21.27 15.01
C ASP A 254 -0.21 -20.30 14.57
N ILE A 255 -0.75 -19.51 15.48
CA ILE A 255 -1.92 -18.68 15.13
C ILE A 255 -1.63 -17.56 14.15
N GLY A 256 -0.38 -17.08 14.15
CA GLY A 256 0.04 -16.08 13.17
C GLY A 256 0.42 -16.72 11.84
N LEU A 257 0.39 -18.05 11.74
CA LEU A 257 0.66 -18.79 10.48
C LEU A 257 2.07 -18.49 9.95
N GLY A 258 2.86 -17.79 10.78
CA GLY A 258 4.16 -17.16 10.40
C GLY A 258 5.29 -18.16 10.63
N PRO A 259 6.54 -17.69 10.51
CA PRO A 259 7.72 -18.53 10.70
C PRO A 259 8.00 -18.90 12.17
N MET A 260 6.98 -19.38 12.88
CA MET A 260 7.05 -19.60 14.33
C MET A 260 6.46 -21.02 14.45
N PRO A 261 7.10 -21.92 15.21
CA PRO A 261 6.53 -23.25 15.41
C PRO A 261 5.26 -23.18 16.27
N LEU A 262 4.38 -24.16 16.07
CA LEU A 262 3.21 -24.32 16.94
C LEU A 262 3.62 -24.52 18.42
N ASN A 263 2.95 -23.79 19.31
CA ASN A 263 3.04 -24.06 20.75
C ASN A 263 1.68 -24.53 21.34
N GLY A 264 1.25 -23.87 22.40
CA GLY A 264 -0.03 -24.12 23.03
C GLY A 264 -1.21 -23.67 22.17
N SER A 265 -1.11 -22.57 21.43
CA SER A 265 -2.24 -22.03 20.62
C SER A 265 -1.96 -22.11 19.14
N GLY A 266 -2.89 -22.75 18.43
CA GLY A 266 -2.70 -22.98 17.02
C GLY A 266 -3.96 -22.75 16.24
N ARG A 267 -3.84 -22.98 14.93
CA ARG A 267 -4.99 -22.93 14.07
C ARG A 267 -4.88 -24.12 13.19
N LEU A 268 -5.97 -24.89 13.12
CA LEU A 268 -5.99 -26.02 12.21
C LEU A 268 -6.77 -25.58 10.96
N LEU A 269 -6.14 -25.71 9.79
CA LEU A 269 -6.75 -25.26 8.52
C LEU A 269 -6.89 -26.39 7.55
N VAL A 270 -8.02 -26.41 6.88
CA VAL A 270 -8.23 -27.46 5.88
C VAL A 270 -8.79 -26.82 4.60
N ALA A 271 -8.45 -27.41 3.44
CA ALA A 271 -9.12 -27.10 2.17
C ALA A 271 -9.35 -28.41 1.49
N ALA A 272 -10.53 -28.57 0.88
CA ALA A 272 -10.89 -29.85 0.24
C ALA A 272 -11.79 -29.56 -0.98
N ARG A 273 -11.75 -30.47 -1.95
CA ARG A 273 -12.60 -30.38 -3.14
C ARG A 273 -13.70 -31.40 -3.03
N LEU A 274 -14.93 -30.90 -3.22
CA LEU A 274 -16.10 -31.73 -3.39
C LEU A 274 -16.61 -31.48 -4.83
N GLY A 275 -16.46 -32.48 -5.70
CA GLY A 275 -16.64 -32.18 -7.15
C GLY A 275 -15.70 -31.06 -7.59
N THR A 276 -16.26 -30.00 -8.19
CA THR A 276 -15.40 -28.89 -8.59
C THR A 276 -15.36 -27.81 -7.51
N THR A 277 -16.12 -27.99 -6.42
CA THR A 277 -16.17 -26.91 -5.43
C THR A 277 -15.08 -27.05 -4.39
N ARG A 278 -14.27 -26.00 -4.23
CA ARG A 278 -13.22 -26.00 -3.22
C ARG A 278 -13.74 -25.33 -1.95
N LEU A 279 -13.75 -26.08 -0.83
CA LEU A 279 -14.23 -25.55 0.45
C LEU A 279 -13.07 -25.36 1.42
N LEU A 280 -13.21 -24.37 2.29
CA LEU A 280 -12.19 -24.08 3.28
C LEU A 280 -12.84 -24.07 4.66
N ASP A 281 -12.06 -24.41 5.67
CA ASP A 281 -12.54 -24.20 7.05
C ASP A 281 -11.29 -24.13 7.95
N ASN A 282 -11.48 -23.64 9.16
CA ASN A 282 -10.34 -23.59 10.08
C ASN A 282 -10.89 -23.43 11.50
N ILE A 283 -10.08 -23.72 12.52
CA ILE A 283 -10.58 -23.66 13.87
C ILE A 283 -9.41 -23.37 14.78
N ALA A 284 -9.70 -22.72 15.91
CA ALA A 284 -8.74 -22.56 16.97
C ALA A 284 -8.46 -23.92 17.58
N ILE A 285 -7.18 -24.15 17.91
CA ILE A 285 -6.72 -25.38 18.54
C ILE A 285 -5.84 -24.98 19.73
N GLU A 286 -6.08 -25.59 20.89
CA GLU A 286 -5.16 -25.45 22.04
C GLU A 286 -4.55 -26.81 22.32
N ILE A 287 -3.23 -26.88 22.36
CA ILE A 287 -2.59 -28.18 22.51
C ILE A 287 -2.42 -28.47 23.99
N GLY A 288 -2.75 -29.71 24.42
CA GLY A 288 -2.67 -30.10 25.85
C GLY A 288 -3.58 -29.35 26.81
N THR A 289 -4.70 -28.87 26.29
CA THR A 289 -5.59 -27.96 27.02
C THR A 289 -7.04 -28.43 26.83
N PHE A 290 -7.72 -28.69 27.97
CA PHE A 290 -9.10 -29.25 28.05
C PHE A 290 -10.12 -28.17 28.48
N ALA B 2 -2.48 9.95 26.41
CA ALA B 2 -1.93 11.34 26.24
C ALA B 2 -1.39 11.55 24.82
N ILE B 3 -1.29 12.81 24.41
CA ILE B 3 -0.53 13.19 23.21
C ILE B 3 0.90 13.64 23.65
N PRO B 4 1.96 13.25 22.93
CA PRO B 4 3.32 13.71 23.29
C PRO B 4 3.39 15.23 23.27
N ALA B 5 4.34 15.77 24.03
CA ALA B 5 4.56 17.21 24.08
C ALA B 5 4.91 17.76 22.69
N PHE B 6 4.41 18.97 22.44
CA PHE B 6 4.75 19.77 21.26
C PHE B 6 4.90 21.25 21.63
N HIS B 7 6.07 21.80 21.33
CA HIS B 7 6.44 23.19 21.59
C HIS B 7 6.43 24.00 20.30
N PRO B 8 5.33 24.73 20.09
CA PRO B 8 5.15 25.59 18.91
C PRO B 8 6.33 26.54 18.77
N GLY B 9 6.83 26.71 17.55
CA GLY B 9 7.93 27.65 17.28
C GLY B 9 9.33 27.12 17.54
N GLU B 10 9.41 25.89 18.05
CA GLU B 10 10.68 25.24 18.32
C GLU B 10 10.76 23.94 17.50
N LEU B 11 11.98 23.43 17.30
CA LEU B 11 12.13 22.13 16.63
C LEU B 11 11.83 20.97 17.61
N ASN B 12 10.78 20.23 17.33
CA ASN B 12 10.37 19.12 18.18
C ASN B 12 10.80 17.85 17.48
N VAL B 13 11.62 17.05 18.16
CA VAL B 13 12.21 15.85 17.57
C VAL B 13 11.58 14.57 18.13
N TYR B 14 11.10 13.71 17.22
CA TYR B 14 10.44 12.46 17.60
C TYR B 14 11.05 11.32 16.84
N SER B 15 11.30 10.22 17.54
CA SER B 15 11.91 9.03 16.92
C SER B 15 10.91 7.89 16.77
N ALA B 16 9.88 7.88 17.60
CA ALA B 16 8.85 6.85 17.58
C ALA B 16 7.77 7.23 16.57
N PRO B 17 7.47 6.35 15.60
CA PRO B 17 6.38 6.62 14.67
C PRO B 17 5.05 6.96 15.39
N GLY B 18 4.72 6.25 16.47
CA GLY B 18 3.44 6.50 17.11
C GLY B 18 3.32 7.92 17.64
N ASP B 19 4.43 8.43 18.13
CA ASP B 19 4.52 9.78 18.67
C ASP B 19 4.30 10.85 17.59
N VAL B 20 5.04 10.77 16.49
CA VAL B 20 4.87 11.79 15.46
C VAL B 20 3.46 11.67 14.89
N ALA B 21 2.94 10.44 14.77
CA ALA B 21 1.57 10.20 14.34
C ALA B 21 0.53 10.91 15.22
N ASP B 22 0.66 10.69 16.54
CA ASP B 22 -0.20 11.34 17.54
C ASP B 22 -0.13 12.87 17.51
N VAL B 23 1.09 13.41 17.46
CA VAL B 23 1.31 14.85 17.32
C VAL B 23 0.70 15.40 16.01
N SER B 24 0.97 14.72 14.90
CA SER B 24 0.43 15.16 13.62
C SER B 24 -1.11 15.21 13.66
N ARG B 25 -1.75 14.15 14.14
CA ARG B 25 -3.19 14.09 14.30
C ARG B 25 -3.68 15.29 15.14
N ALA B 26 -3.14 15.40 16.36
CA ALA B 26 -3.47 16.52 17.27
C ALA B 26 -3.34 17.88 16.57
N LEU B 27 -2.22 18.11 15.86
CA LEU B 27 -2.01 19.39 15.18
C LEU B 27 -3.04 19.66 14.05
N ARG B 28 -3.31 18.62 13.25
CA ARG B 28 -4.32 18.64 12.17
C ARG B 28 -5.63 19.17 12.75
N LEU B 29 -6.02 18.62 13.90
CA LEU B 29 -7.29 18.94 14.54
C LEU B 29 -7.31 20.36 15.11
N THR B 30 -6.12 20.94 15.33
CA THR B 30 -6.02 22.30 15.87
C THR B 30 -5.97 23.37 14.78
N GLY B 31 -6.13 22.95 13.52
CA GLY B 31 -6.11 23.89 12.41
C GLY B 31 -4.74 24.16 11.80
N ARG B 32 -3.86 23.14 11.81
CA ARG B 32 -2.63 23.20 11.05
C ARG B 32 -2.76 22.30 9.84
N ARG B 33 -2.03 22.62 8.77
CA ARG B 33 -1.95 21.77 7.58
C ARG B 33 -0.57 21.12 7.64
N VAL B 34 -0.53 19.80 7.72
CA VAL B 34 0.74 19.09 7.94
C VAL B 34 1.44 18.88 6.61
N MET B 35 2.69 19.33 6.52
CA MET B 35 3.50 19.21 5.33
C MET B 35 4.60 18.22 5.64
N LEU B 36 4.83 17.26 4.73
CA LEU B 36 5.88 16.28 4.95
C LEU B 36 6.99 16.41 3.91
N VAL B 37 8.23 16.47 4.39
CA VAL B 37 9.38 16.53 3.52
C VAL B 37 10.30 15.36 3.82
N PRO B 38 10.22 14.27 3.03
CA PRO B 38 11.09 13.11 3.27
C PRO B 38 12.54 13.32 2.83
N THR B 39 13.50 13.03 3.73
CA THR B 39 14.90 13.08 3.36
C THR B 39 15.69 11.91 3.95
N MET B 40 16.93 11.82 3.54
CA MET B 40 17.87 10.89 4.17
C MET B 40 18.97 11.63 4.91
N GLY B 41 18.68 12.86 5.33
CA GLY B 41 19.66 13.63 6.12
C GLY B 41 20.80 14.16 5.23
N ALA B 42 21.89 14.60 5.84
CA ALA B 42 22.96 15.25 5.08
C ALA B 42 22.40 16.41 4.25
N LEU B 43 21.71 17.34 4.92
CA LEU B 43 20.85 18.27 4.22
C LEU B 43 21.69 19.37 3.57
N HIS B 44 21.26 19.83 2.40
CA HIS B 44 21.86 21.00 1.77
C HIS B 44 20.77 21.90 1.20
N GLU B 45 21.15 22.92 0.43
CA GLU B 45 20.20 23.92 -0.05
C GLU B 45 19.10 23.26 -0.89
N GLY B 46 19.40 22.15 -1.56
CA GLY B 46 18.36 21.43 -2.31
C GLY B 46 17.23 21.03 -1.35
N HIS B 47 17.58 20.41 -0.23
CA HIS B 47 16.53 20.04 0.75
C HIS B 47 15.82 21.24 1.35
N LEU B 48 16.55 22.33 1.55
CA LEU B 48 16.01 23.54 2.16
C LEU B 48 14.94 24.20 1.24
N ALA B 49 15.11 24.09 -0.08
CA ALA B 49 14.06 24.52 -1.00
C ALA B 49 12.76 23.76 -0.81
N LEU B 50 12.84 22.46 -0.57
CA LEU B 50 11.62 21.73 -0.23
C LEU B 50 11.03 22.23 1.08
N VAL B 51 11.88 22.37 2.10
CA VAL B 51 11.46 22.96 3.35
C VAL B 51 10.73 24.31 3.15
N ARG B 52 11.32 25.23 2.40
CA ARG B 52 10.74 26.55 2.23
C ARG B 52 9.45 26.52 1.47
N ALA B 53 9.31 25.59 0.52
CA ALA B 53 8.06 25.45 -0.20
C ALA B 53 6.96 25.01 0.76
N ALA B 54 7.32 24.11 1.68
CA ALA B 54 6.35 23.57 2.64
C ALA B 54 5.94 24.66 3.66
N LYS B 55 6.91 25.45 4.08
CA LYS B 55 6.68 26.51 5.03
C LYS B 55 5.69 27.55 4.57
N ARG B 56 5.73 27.87 3.28
CA ARG B 56 4.96 28.98 2.79
C ARG B 56 3.46 28.67 2.70
N VAL B 57 3.06 27.40 2.85
CA VAL B 57 1.64 27.03 2.79
C VAL B 57 0.96 27.61 4.06
N PRO B 58 -0.06 28.47 3.94
CA PRO B 58 -0.66 29.09 5.13
C PRO B 58 -1.12 28.04 6.17
N GLY B 59 -0.82 28.26 7.45
CA GLY B 59 -1.09 27.27 8.50
C GLY B 59 -0.27 26.00 8.53
N SER B 60 0.84 25.98 7.79
CA SER B 60 1.68 24.78 7.64
C SER B 60 2.33 24.47 8.99
N VAL B 61 2.48 23.18 9.25
CA VAL B 61 3.48 22.74 10.21
C VAL B 61 4.30 21.75 9.41
N VAL B 62 5.62 21.93 9.47
CA VAL B 62 6.50 21.19 8.59
C VAL B 62 7.08 20.04 9.34
N VAL B 63 6.87 18.84 8.79
CA VAL B 63 7.49 17.62 9.25
C VAL B 63 8.62 17.23 8.27
N VAL B 64 9.86 17.23 8.76
CA VAL B 64 10.96 16.71 7.99
C VAL B 64 11.39 15.36 8.52
N SER B 65 11.32 14.34 7.65
CA SER B 65 11.73 13.00 8.09
C SER B 65 13.19 12.86 7.70
N ILE B 66 13.96 12.26 8.60
CA ILE B 66 15.34 11.94 8.27
C ILE B 66 15.43 10.46 8.57
N PHE B 67 15.64 9.68 7.52
CA PHE B 67 15.66 8.22 7.64
C PHE B 67 16.42 7.66 6.48
N VAL B 68 17.51 6.93 6.77
CA VAL B 68 18.31 6.32 5.72
C VAL B 68 17.70 4.96 5.53
N ASN B 69 17.05 4.77 4.39
CA ASN B 69 16.21 3.60 4.18
C ASN B 69 17.06 2.48 3.64
N PRO B 70 17.33 1.43 4.45
CA PRO B 70 18.20 0.33 3.98
C PRO B 70 17.65 -0.35 2.70
N MET B 71 16.33 -0.29 2.52
CA MET B 71 15.60 -0.99 1.46
C MET B 71 15.77 -0.36 0.05
N GLN B 72 16.16 0.92 -0.02
CA GLN B 72 16.45 1.52 -1.32
C GLN B 72 17.94 1.51 -1.69
N PHE B 73 18.77 0.85 -0.87
CA PHE B 73 20.19 0.58 -1.18
C PHE B 73 20.45 -0.87 -1.58
N ARG B 84 26.05 10.80 7.27
CA ARG B 84 25.09 11.04 8.34
C ARG B 84 25.56 12.16 9.26
N THR B 85 24.93 13.34 9.15
CA THR B 85 25.17 14.43 10.12
C THR B 85 23.93 14.83 10.93
N PRO B 86 23.58 14.05 11.97
CA PRO B 86 22.29 14.22 12.66
C PRO B 86 22.14 15.59 13.31
N ASP B 87 23.08 15.94 14.20
CA ASP B 87 23.08 17.22 14.91
C ASP B 87 23.15 18.40 13.96
N ASP B 88 23.99 18.29 12.94
CA ASP B 88 24.07 19.34 11.94
C ASP B 88 22.75 19.52 11.14
N ASP B 89 22.13 18.41 10.76
CA ASP B 89 20.85 18.48 10.03
C ASP B 89 19.84 19.21 10.86
N LEU B 90 19.77 18.80 12.13
CA LEU B 90 18.82 19.34 13.09
C LEU B 90 18.99 20.85 13.31
N ALA B 91 20.24 21.33 13.35
CA ALA B 91 20.56 22.74 13.44
C ALA B 91 20.07 23.50 12.19
N GLN B 92 20.25 22.91 11.02
CA GLN B 92 19.73 23.53 9.80
C GLN B 92 18.21 23.68 9.82
N LEU B 93 17.51 22.64 10.30
CA LEU B 93 16.06 22.66 10.38
C LEU B 93 15.55 23.73 11.38
N ARG B 94 16.23 23.81 12.54
CA ARG B 94 16.01 24.84 13.55
C ARG B 94 16.13 26.21 12.89
N ALA B 95 17.23 26.44 12.16
CA ALA B 95 17.46 27.69 11.45
C ALA B 95 16.32 28.02 10.47
N GLU B 96 15.75 27.01 9.82
CA GLU B 96 14.63 27.19 8.88
C GLU B 96 13.27 27.35 9.53
N GLY B 97 13.21 27.22 10.85
CA GLY B 97 11.94 27.30 11.55
C GLY B 97 11.05 26.08 11.42
N VAL B 98 11.64 24.94 11.08
CA VAL B 98 10.89 23.68 11.06
C VAL B 98 10.49 23.29 12.50
N GLU B 99 9.25 22.87 12.69
CA GLU B 99 8.78 22.50 14.02
C GLU B 99 8.86 21.01 14.35
N ILE B 100 8.90 20.13 13.34
CA ILE B 100 9.00 18.70 13.64
C ILE B 100 10.07 18.02 12.78
N ALA B 101 10.95 17.29 13.45
CA ALA B 101 11.82 16.31 12.80
C ALA B 101 11.43 14.91 13.27
N PHE B 102 11.26 14.00 12.33
CA PHE B 102 10.97 12.61 12.62
C PHE B 102 12.22 11.79 12.26
N THR B 103 12.87 11.24 13.27
CA THR B 103 14.15 10.56 13.08
C THR B 103 14.04 9.10 13.58
N PRO B 104 13.36 8.20 12.85
CA PRO B 104 13.13 6.83 13.37
C PRO B 104 14.36 5.93 13.16
N THR B 105 14.49 4.87 13.96
CA THR B 105 15.49 3.85 13.69
C THR B 105 14.98 2.90 12.65
N THR B 106 15.88 2.12 12.09
CA THR B 106 15.49 1.08 11.13
C THR B 106 14.52 0.08 11.79
N ALA B 107 14.82 -0.29 13.04
CA ALA B 107 13.98 -1.24 13.78
C ALA B 107 12.55 -0.68 14.00
N ALA B 108 12.41 0.62 14.22
CA ALA B 108 11.09 1.18 14.45
C ALA B 108 10.29 1.22 13.15
N MET B 109 10.97 1.45 12.05
CA MET B 109 10.31 1.54 10.72
C MET B 109 10.01 0.12 10.25
N TYR B 110 10.90 -0.82 10.63
CA TYR B 110 10.73 -2.21 10.19
C TYR B 110 10.73 -3.22 11.36
N PRO B 111 9.76 -3.12 12.28
CA PRO B 111 9.80 -3.95 13.49
C PRO B 111 9.60 -5.42 13.17
N ASP B 112 9.02 -5.71 12.00
CA ASP B 112 8.84 -7.09 11.61
C ASP B 112 9.73 -7.46 10.45
N GLY B 113 10.76 -6.68 10.18
CA GLY B 113 11.59 -6.87 9.00
C GLY B 113 10.88 -6.52 7.69
N LEU B 114 11.40 -7.04 6.57
CA LEU B 114 10.80 -6.83 5.28
C LEU B 114 9.72 -7.89 5.09
N ARG B 115 8.47 -7.47 5.02
CA ARG B 115 7.38 -8.42 4.93
C ARG B 115 6.49 -7.92 3.78
N THR B 116 5.41 -7.18 4.08
CA THR B 116 4.56 -6.62 3.03
C THR B 116 5.35 -5.45 2.40
N THR B 117 5.40 -5.36 1.08
CA THR B 117 6.12 -4.21 0.49
C THR B 117 5.31 -3.68 -0.69
N VAL B 118 5.79 -2.59 -1.28
CA VAL B 118 5.12 -2.07 -2.47
C VAL B 118 5.90 -2.52 -3.69
N GLN B 119 5.16 -3.00 -4.70
CA GLN B 119 5.71 -3.40 -5.97
C GLN B 119 5.33 -2.30 -7.01
N PRO B 120 6.33 -1.55 -7.45
CA PRO B 120 6.09 -0.46 -8.38
C PRO B 120 5.64 -1.02 -9.73
N GLY B 121 5.05 -0.18 -10.58
CA GLY B 121 4.83 -0.59 -11.97
C GLY B 121 6.15 -0.65 -12.76
N PRO B 122 6.04 -0.97 -14.05
CA PRO B 122 7.19 -1.21 -14.97
C PRO B 122 8.12 -0.01 -15.10
N LEU B 123 7.63 1.20 -14.85
CA LEU B 123 8.55 2.35 -14.90
C LEU B 123 9.73 2.16 -13.96
N ALA B 124 9.52 1.49 -12.82
CA ALA B 124 10.61 1.23 -11.88
C ALA B 124 11.75 0.34 -12.43
N ALA B 125 11.55 -0.34 -13.56
CA ALA B 125 12.60 -1.21 -14.10
C ALA B 125 13.45 -0.41 -15.10
N GLU B 126 13.01 0.81 -15.38
CA GLU B 126 13.61 1.62 -16.43
C GLU B 126 14.55 2.68 -15.87
N LEU B 127 15.38 3.25 -16.74
CA LEU B 127 16.20 4.41 -16.33
C LEU B 127 17.05 4.10 -15.09
N GLU B 128 16.81 4.75 -13.95
CA GLU B 128 17.56 4.41 -12.72
C GLU B 128 17.34 2.97 -12.29
N GLY B 129 16.20 2.38 -12.68
CA GLY B 129 15.91 0.95 -12.35
C GLY B 129 16.80 -0.07 -13.08
N GLY B 130 17.55 0.42 -14.07
CA GLY B 130 18.55 -0.33 -14.82
C GLY B 130 19.61 -0.91 -13.90
N PRO B 131 20.54 -0.09 -13.43
CA PRO B 131 21.54 -0.56 -12.47
C PRO B 131 20.93 -0.96 -11.11
N ARG B 132 19.82 -0.32 -10.70
CA ARG B 132 19.24 -0.63 -9.38
C ARG B 132 17.79 -1.09 -9.44
N PRO B 133 17.58 -2.35 -9.85
CA PRO B 133 16.25 -2.90 -10.05
C PRO B 133 15.33 -3.02 -8.80
N THR B 134 15.86 -2.86 -7.60
CA THR B 134 15.05 -3.02 -6.39
C THR B 134 14.85 -1.67 -5.73
N HIS B 135 15.51 -0.66 -6.28
CA HIS B 135 15.59 0.63 -5.63
C HIS B 135 14.22 1.28 -5.35
N PHE B 136 13.39 1.37 -6.39
CA PHE B 136 12.15 2.09 -6.23
C PHE B 136 11.11 1.34 -5.38
N ALA B 137 11.18 0.03 -5.37
CA ALA B 137 10.33 -0.76 -4.41
C ALA B 137 10.67 -0.26 -3.03
N GLY B 138 11.96 -0.12 -2.75
CA GLY B 138 12.37 0.39 -1.42
C GLY B 138 11.83 1.81 -1.16
N VAL B 139 12.03 2.68 -2.13
CA VAL B 139 11.49 4.06 -2.01
C VAL B 139 9.94 4.16 -1.78
N LEU B 140 9.16 3.49 -2.61
CA LEU B 140 7.71 3.57 -2.53
C LEU B 140 7.24 2.90 -1.23
N THR B 141 7.93 1.85 -0.79
CA THR B 141 7.58 1.17 0.48
C THR B 141 7.78 2.17 1.61
N VAL B 142 8.96 2.77 1.66
CA VAL B 142 9.21 3.71 2.76
C VAL B 142 8.35 4.97 2.66
N VAL B 143 8.05 5.47 1.45
CA VAL B 143 7.23 6.67 1.34
C VAL B 143 5.78 6.38 1.74
N LEU B 144 5.26 5.22 1.32
CA LEU B 144 3.88 4.86 1.73
C LEU B 144 3.82 4.87 3.29
N LYS B 145 4.81 4.28 3.96
CA LYS B 145 4.83 4.17 5.43
C LYS B 145 4.88 5.55 6.05
N LEU B 146 5.72 6.41 5.51
CA LEU B 146 5.82 7.81 6.05
C LEU B 146 4.50 8.53 5.86
N LEU B 147 3.88 8.32 4.71
CA LEU B 147 2.56 8.89 4.46
C LEU B 147 1.50 8.47 5.47
N GLN B 148 1.53 7.19 5.82
CA GLN B 148 0.48 6.66 6.72
C GLN B 148 0.77 7.07 8.19
N ILE B 149 2.06 7.15 8.51
CA ILE B 149 2.45 7.57 9.88
C ILE B 149 2.08 9.05 10.11
N VAL B 150 2.52 9.91 9.22
CA VAL B 150 2.42 11.38 9.38
C VAL B 150 1.07 11.94 8.88
N ARG B 151 0.46 11.28 7.89
CA ARG B 151 -0.81 11.71 7.26
C ARG B 151 -0.81 13.22 6.92
N PRO B 152 0.12 13.61 6.07
CA PRO B 152 0.25 14.99 5.65
C PRO B 152 -0.81 15.38 4.64
N ASP B 153 -1.10 16.70 4.57
CA ASP B 153 -1.94 17.25 3.52
C ASP B 153 -1.17 17.29 2.19
N ARG B 154 0.12 17.56 2.27
CA ARG B 154 0.95 17.66 1.09
C ARG B 154 2.30 17.05 1.41
N VAL B 155 2.93 16.44 0.41
CA VAL B 155 4.23 15.83 0.58
C VAL B 155 5.12 16.37 -0.53
N PHE B 156 6.35 16.71 -0.19
CA PHE B 156 7.21 17.47 -1.12
C PHE B 156 8.38 16.63 -1.61
N PHE B 157 8.58 16.60 -2.93
CA PHE B 157 9.74 15.88 -3.50
C PHE B 157 10.47 16.77 -4.53
N GLY B 158 11.80 16.63 -4.65
CA GLY B 158 12.54 17.43 -5.61
C GLY B 158 12.39 16.88 -7.03
N GLU B 159 12.26 17.79 -7.99
CA GLU B 159 12.30 17.40 -9.43
C GLU B 159 13.66 16.81 -9.81
N LYS B 160 14.66 17.04 -8.97
CA LYS B 160 16.01 16.42 -9.10
C LYS B 160 15.89 14.90 -9.35
N ASP B 161 15.11 14.25 -8.51
CA ASP B 161 14.80 12.83 -8.69
C ASP B 161 13.47 12.67 -9.39
N TYR B 162 13.46 13.04 -10.66
CA TYR B 162 12.23 13.11 -11.41
C TYR B 162 11.52 11.76 -11.55
N GLN B 163 12.27 10.70 -11.82
CA GLN B 163 11.65 9.40 -11.93
C GLN B 163 11.03 8.97 -10.60
N GLN B 164 11.73 9.23 -9.50
CA GLN B 164 11.18 9.01 -8.16
C GLN B 164 9.87 9.79 -7.99
N LEU B 165 9.85 11.05 -8.37
CA LEU B 165 8.66 11.90 -8.26
C LEU B 165 7.45 11.32 -9.03
N VAL B 166 7.71 10.89 -10.26
CA VAL B 166 6.67 10.33 -11.12
C VAL B 166 6.17 9.02 -10.47
N LEU B 167 7.08 8.20 -9.97
CA LEU B 167 6.66 6.94 -9.33
C LEU B 167 5.83 7.20 -8.07
N ILE B 168 6.19 8.24 -7.31
CA ILE B 168 5.33 8.62 -6.16
C ILE B 168 3.95 9.11 -6.59
N ARG B 169 3.87 9.93 -7.64
CA ARG B 169 2.53 10.23 -8.20
C ARG B 169 1.78 8.95 -8.55
N GLN B 170 2.46 7.94 -9.15
CA GLN B 170 1.78 6.68 -9.49
C GLN B 170 1.29 5.94 -8.23
N LEU B 171 2.14 5.96 -7.19
CA LEU B 171 1.77 5.32 -5.91
C LEU B 171 0.47 5.97 -5.38
N VAL B 172 0.49 7.31 -5.24
CA VAL B 172 -0.67 8.08 -4.81
C VAL B 172 -1.95 7.85 -5.63
N ALA B 173 -1.85 7.90 -6.94
CA ALA B 173 -2.99 7.59 -7.78
C ALA B 173 -3.50 6.14 -7.59
N ASP B 174 -2.58 5.19 -7.58
CA ASP B 174 -2.94 3.74 -7.71
C ASP B 174 -3.46 3.23 -6.40
N PHE B 175 -2.99 3.81 -5.31
CA PHE B 175 -3.48 3.39 -4.01
C PHE B 175 -4.50 4.35 -3.43
N ASN B 176 -4.98 5.31 -4.23
CA ASN B 176 -6.07 6.22 -3.85
C ASN B 176 -5.72 7.01 -2.60
N LEU B 177 -4.43 7.35 -2.44
CA LEU B 177 -3.99 8.12 -1.27
C LEU B 177 -4.48 9.57 -1.31
N ASP B 178 -4.90 10.07 -0.15
CA ASP B 178 -5.44 11.40 -0.05
C ASP B 178 -4.34 12.35 0.41
N VAL B 179 -3.40 12.65 -0.48
CA VAL B 179 -2.29 13.59 -0.23
C VAL B 179 -1.98 14.21 -1.58
N ALA B 180 -1.65 15.51 -1.56
CA ALA B 180 -1.16 16.24 -2.74
C ALA B 180 0.36 16.05 -2.82
N VAL B 181 0.86 15.73 -4.00
CA VAL B 181 2.30 15.52 -4.19
C VAL B 181 2.85 16.77 -4.85
N VAL B 182 3.82 17.41 -4.21
CA VAL B 182 4.29 18.70 -4.74
C VAL B 182 5.72 18.48 -5.18
N GLY B 183 5.98 18.72 -6.47
CA GLY B 183 7.35 18.67 -6.99
C GLY B 183 7.99 20.05 -6.89
N VAL B 184 9.25 20.08 -6.41
CA VAL B 184 9.95 21.32 -6.22
C VAL B 184 11.12 21.38 -7.19
N PRO B 185 11.26 22.49 -7.94
CA PRO B 185 12.35 22.56 -8.96
C PRO B 185 13.74 22.31 -8.38
N THR B 186 14.61 21.74 -9.21
CA THR B 186 16.02 21.49 -8.86
C THR B 186 16.79 22.76 -8.49
N VAL B 187 17.44 22.69 -7.33
CA VAL B 187 18.31 23.74 -6.87
C VAL B 187 19.68 23.43 -7.51
N ARG B 188 20.32 24.46 -8.08
CA ARG B 188 21.59 24.29 -8.81
C ARG B 188 22.70 25.20 -8.26
N GLU B 189 23.93 24.73 -8.39
CA GLU B 189 25.11 25.55 -8.11
C GLU B 189 25.19 26.64 -9.20
N ALA B 190 26.16 27.55 -9.08
CA ALA B 190 26.14 28.79 -9.88
C ALA B 190 26.31 28.46 -11.36
N ASP B 191 27.02 27.37 -11.63
CA ASP B 191 27.22 27.00 -13.02
C ASP B 191 26.17 26.05 -13.60
N GLY B 192 25.11 25.75 -12.84
CA GLY B 192 24.02 24.87 -13.26
C GLY B 192 24.03 23.43 -12.72
N LEU B 193 25.14 22.98 -12.15
CA LEU B 193 25.20 21.60 -11.69
C LEU B 193 24.16 21.40 -10.59
N ALA B 194 23.38 20.33 -10.75
CA ALA B 194 22.30 20.08 -9.79
C ALA B 194 22.90 19.79 -8.40
N MET B 195 22.41 20.47 -7.35
CA MET B 195 23.02 20.21 -6.05
C MET B 195 22.82 18.75 -5.60
N SER B 196 23.89 18.17 -5.04
CA SER B 196 23.79 16.83 -4.53
C SER B 196 24.95 16.64 -3.56
N SER B 197 24.71 15.86 -2.52
CA SER B 197 25.83 15.51 -1.62
C SER B 197 26.93 14.76 -2.38
N ARG B 198 26.60 14.16 -3.51
CA ARG B 198 27.66 13.45 -4.27
C ARG B 198 28.66 14.37 -4.96
N ASN B 199 28.28 15.63 -5.20
CA ASN B 199 29.18 16.54 -5.92
C ASN B 199 30.56 16.67 -5.26
N ARG B 200 30.63 16.45 -3.96
CA ARG B 200 31.90 16.66 -3.27
C ARG B 200 32.91 15.54 -3.50
N TYR B 201 32.45 14.44 -4.05
CA TYR B 201 33.33 13.37 -4.39
C TYR B 201 34.14 13.66 -5.64
N LEU B 202 33.70 14.66 -6.43
CA LEU B 202 34.34 14.95 -7.72
C LEU B 202 35.66 15.67 -7.53
N ASP B 203 36.68 15.20 -8.23
CA ASP B 203 37.90 15.96 -8.29
C ASP B 203 37.77 17.18 -9.20
N PRO B 204 38.75 18.09 -9.27
CA PRO B 204 38.51 19.32 -10.03
C PRO B 204 38.17 19.08 -11.52
N ALA B 205 38.87 18.15 -12.16
CA ALA B 205 38.62 17.84 -13.58
C ALA B 205 37.19 17.34 -13.74
N GLN B 206 36.80 16.44 -12.86
CA GLN B 206 35.46 15.87 -12.92
C GLN B 206 34.42 16.92 -12.60
N ARG B 207 34.71 17.81 -11.64
CA ARG B 207 33.69 18.84 -11.34
C ARG B 207 33.47 19.78 -12.49
N ALA B 208 34.54 20.08 -13.24
CA ALA B 208 34.48 20.95 -14.43
C ALA B 208 33.70 20.21 -15.54
N ALA B 209 34.01 18.93 -15.73
CA ALA B 209 33.30 18.08 -16.70
C ALA B 209 31.81 17.91 -16.39
N ALA B 210 31.46 17.87 -15.09
CA ALA B 210 30.11 17.64 -14.61
C ALA B 210 29.10 18.72 -15.04
N VAL B 211 29.60 19.95 -15.30
CA VAL B 211 28.75 21.03 -15.82
C VAL B 211 28.11 20.61 -17.16
N ALA B 212 28.70 19.65 -17.87
CA ALA B 212 28.09 19.18 -19.14
C ALA B 212 26.66 18.61 -19.03
N LEU B 213 26.30 17.97 -17.90
CA LEU B 213 24.93 17.46 -17.75
C LEU B 213 23.91 18.56 -17.85
N SER B 214 24.04 19.57 -16.99
CA SER B 214 23.09 20.69 -17.01
C SER B 214 23.18 21.53 -18.30
N ALA B 215 24.39 21.71 -18.80
CA ALA B 215 24.60 22.45 -20.05
C ALA B 215 23.93 21.72 -21.23
N ALA B 216 24.00 20.39 -21.27
CA ALA B 216 23.42 19.59 -22.33
C ALA B 216 21.88 19.69 -22.28
N LEU B 217 21.32 19.63 -21.07
CA LEU B 217 19.87 19.71 -20.90
C LEU B 217 19.36 21.08 -21.29
N THR B 218 20.00 22.15 -20.82
CA THR B 218 19.52 23.48 -21.14
C THR B 218 19.66 23.80 -22.63
N ALA B 219 20.78 23.38 -23.22
CA ALA B 219 20.96 23.48 -24.68
C ALA B 219 19.77 22.77 -25.39
N ALA B 220 19.44 21.58 -24.91
CA ALA B 220 18.36 20.77 -25.52
C ALA B 220 17.04 21.49 -25.43
N ALA B 221 16.75 22.06 -24.27
CA ALA B 221 15.51 22.81 -24.02
C ALA B 221 15.31 23.93 -25.05
N HIS B 222 16.40 24.65 -25.37
CA HIS B 222 16.35 25.73 -26.34
C HIS B 222 16.43 25.25 -27.77
N ALA B 223 17.13 24.13 -28.00
CA ALA B 223 17.18 23.53 -29.36
C ALA B 223 15.81 23.00 -29.79
N ALA B 224 14.94 22.69 -28.80
CA ALA B 224 13.66 22.03 -29.02
C ALA B 224 12.68 22.76 -29.96
N THR B 225 12.91 24.05 -30.21
CA THR B 225 12.09 24.74 -31.23
C THR B 225 12.26 24.11 -32.61
N ALA B 226 13.41 23.46 -32.82
CA ALA B 226 13.70 22.81 -34.08
C ALA B 226 13.32 21.30 -34.05
N GLY B 227 12.73 20.82 -32.96
CA GLY B 227 12.10 19.49 -32.91
C GLY B 227 12.88 18.54 -32.00
N ALA B 228 12.32 17.35 -31.78
CA ALA B 228 12.90 16.41 -30.79
C ALA B 228 14.31 15.94 -31.12
N GLN B 229 14.55 15.65 -32.39
CA GLN B 229 15.85 15.14 -32.77
C GLN B 229 16.93 16.22 -32.59
N ALA B 230 16.58 17.47 -32.97
CA ALA B 230 17.53 18.58 -32.76
C ALA B 230 17.85 18.75 -31.28
N ALA B 231 16.85 18.59 -30.40
CA ALA B 231 17.11 18.69 -28.94
C ALA B 231 18.04 17.58 -28.50
N LEU B 232 17.76 16.36 -28.94
CA LEU B 232 18.58 15.24 -28.47
C LEU B 232 20.00 15.37 -28.99
N ASP B 233 20.15 15.80 -30.25
CA ASP B 233 21.48 15.88 -30.82
C ASP B 233 22.26 16.98 -30.14
N ALA B 234 21.61 18.12 -29.90
CA ALA B 234 22.24 19.21 -29.10
C ALA B 234 22.77 18.65 -27.75
N ALA B 235 21.93 17.92 -26.98
CA ALA B 235 22.36 17.44 -25.69
C ALA B 235 23.55 16.51 -25.87
N ARG B 236 23.46 15.63 -26.84
CA ARG B 236 24.54 14.67 -27.06
C ARG B 236 25.84 15.36 -27.40
N ALA B 237 25.74 16.44 -28.18
CA ALA B 237 26.94 17.15 -28.59
C ALA B 237 27.62 17.78 -27.37
N VAL B 238 26.85 18.31 -26.43
CA VAL B 238 27.48 18.93 -25.25
C VAL B 238 28.13 17.83 -24.37
N LEU B 239 27.41 16.73 -24.12
CA LEU B 239 27.98 15.58 -23.39
C LEU B 239 29.28 15.06 -24.07
N ASP B 240 29.26 15.00 -25.41
CA ASP B 240 30.44 14.66 -26.21
C ASP B 240 31.63 15.60 -26.10
N ALA B 241 31.43 16.84 -25.60
CA ALA B 241 32.52 17.81 -25.47
C ALA B 241 33.21 17.67 -24.09
N ALA B 242 32.75 16.74 -23.26
CA ALA B 242 33.28 16.62 -21.89
C ALA B 242 34.13 15.34 -21.79
N PRO B 243 35.29 15.41 -21.13
CA PRO B 243 36.10 14.21 -20.92
C PRO B 243 35.66 13.42 -19.65
N GLY B 244 35.88 12.11 -19.64
CA GLY B 244 35.54 11.29 -18.48
C GLY B 244 34.10 11.29 -17.99
N VAL B 245 33.15 11.52 -18.89
CA VAL B 245 31.75 11.50 -18.57
C VAL B 245 31.12 10.31 -19.31
N ALA B 246 30.84 9.21 -18.60
CA ALA B 246 30.30 7.99 -19.19
C ALA B 246 28.79 8.01 -19.11
N VAL B 247 28.14 8.29 -20.24
CA VAL B 247 26.71 8.50 -20.21
C VAL B 247 25.99 7.16 -20.05
N ASP B 248 25.13 7.04 -19.04
CA ASP B 248 24.40 5.77 -18.86
C ASP B 248 23.14 5.81 -19.72
N TYR B 249 22.45 6.95 -19.69
CA TYR B 249 21.33 7.16 -20.59
C TYR B 249 21.11 8.63 -20.81
N LEU B 250 20.41 8.92 -21.92
CA LEU B 250 19.95 10.24 -22.30
C LEU B 250 18.64 9.96 -23.05
N GLU B 251 17.52 10.29 -22.41
CA GLU B 251 16.22 9.88 -22.90
C GLU B 251 15.22 11.00 -22.80
N LEU B 252 14.49 11.20 -23.91
CA LEU B 252 13.40 12.15 -24.02
C LEU B 252 12.11 11.34 -23.89
N ARG B 253 11.31 11.69 -22.89
CA ARG B 253 10.03 11.00 -22.57
C ARG B 253 8.91 12.01 -22.38
N ASP B 254 7.66 11.56 -22.29
CA ASP B 254 6.61 12.51 -21.93
C ASP B 254 6.71 12.82 -20.42
N ILE B 255 5.87 13.71 -19.91
CA ILE B 255 6.13 14.19 -18.54
C ILE B 255 5.83 13.10 -17.51
N GLY B 256 5.03 12.09 -17.92
CA GLY B 256 4.72 10.88 -17.10
C GLY B 256 5.73 9.74 -17.32
N LEU B 257 6.80 10.04 -18.07
CA LEU B 257 7.88 9.08 -18.44
C LEU B 257 7.48 7.93 -19.34
N GLY B 258 6.30 8.09 -19.96
CA GLY B 258 5.96 7.25 -21.13
C GLY B 258 6.69 7.76 -22.38
N PRO B 259 6.42 7.16 -23.54
CA PRO B 259 7.08 7.56 -24.79
C PRO B 259 6.79 9.04 -25.09
N MET B 260 7.73 9.74 -25.68
CA MET B 260 7.50 11.12 -26.07
C MET B 260 6.44 11.22 -27.17
N PRO B 261 5.47 12.14 -27.01
CA PRO B 261 4.50 12.43 -28.07
C PRO B 261 5.18 13.21 -29.21
N LEU B 262 4.54 13.27 -30.36
CA LEU B 262 5.12 13.97 -31.54
C LEU B 262 5.62 15.42 -31.28
N ASN B 263 4.73 16.28 -30.81
CA ASN B 263 5.16 17.52 -30.16
C ASN B 263 4.59 17.59 -28.74
N GLY B 264 4.62 18.75 -28.10
CA GLY B 264 4.06 18.86 -26.74
C GLY B 264 5.15 18.83 -25.67
N SER B 265 4.74 18.60 -24.42
CA SER B 265 5.66 18.66 -23.29
C SER B 265 6.28 17.32 -23.05
N GLY B 266 7.53 17.37 -22.63
CA GLY B 266 8.23 16.18 -22.24
C GLY B 266 9.26 16.49 -21.20
N ARG B 267 10.11 15.49 -20.94
CA ARG B 267 11.16 15.59 -19.99
C ARG B 267 12.39 14.93 -20.60
N LEU B 268 13.53 15.59 -20.52
CA LEU B 268 14.80 14.97 -20.97
C LEU B 268 15.59 14.63 -19.69
N LEU B 269 16.00 13.37 -19.57
CA LEU B 269 16.72 12.88 -18.40
C LEU B 269 18.07 12.35 -18.81
N VAL B 270 19.04 12.62 -17.97
CA VAL B 270 20.39 12.11 -18.25
C VAL B 270 20.98 11.51 -16.98
N ALA B 271 21.86 10.49 -17.12
CA ALA B 271 22.66 9.98 -16.04
C ALA B 271 24.05 9.63 -16.54
N ALA B 272 25.06 9.88 -15.71
CA ALA B 272 26.41 9.58 -16.19
C ALA B 272 27.30 9.27 -15.02
N ARG B 273 28.36 8.54 -15.31
CA ARG B 273 29.36 8.19 -14.31
C ARG B 273 30.62 8.98 -14.54
N LEU B 274 31.08 9.70 -13.51
CA LEU B 274 32.37 10.37 -13.55
C LEU B 274 33.25 9.70 -12.51
N GLY B 275 34.19 8.89 -13.00
CA GLY B 275 35.01 8.05 -12.09
C GLY B 275 34.06 7.11 -11.40
N THR B 276 33.98 7.13 -10.07
CA THR B 276 33.00 6.26 -9.35
C THR B 276 31.70 6.98 -8.94
N THR B 277 31.52 8.21 -9.34
CA THR B 277 30.39 9.00 -8.86
C THR B 277 29.33 9.08 -9.96
N ARG B 278 28.12 8.70 -9.62
CA ARG B 278 27.01 8.74 -10.59
C ARG B 278 26.16 9.97 -10.37
N LEU B 279 25.96 10.76 -11.43
CA LEU B 279 25.23 12.03 -11.36
C LEU B 279 23.98 11.95 -12.25
N LEU B 280 22.91 12.63 -11.85
CA LEU B 280 21.69 12.65 -12.66
C LEU B 280 21.25 14.10 -12.85
N ASP B 281 20.49 14.32 -13.90
CA ASP B 281 19.83 15.60 -14.07
C ASP B 281 18.69 15.40 -15.06
N ASN B 282 17.79 16.38 -15.11
CA ASN B 282 16.65 16.29 -16.01
C ASN B 282 16.07 17.70 -16.19
N ILE B 283 15.29 17.88 -17.27
CA ILE B 283 14.73 19.20 -17.57
C ILE B 283 13.42 19.06 -18.35
N ALA B 284 12.53 20.03 -18.17
CA ALA B 284 11.30 20.12 -18.95
C ALA B 284 11.71 20.48 -20.36
N ILE B 285 11.03 19.89 -21.35
CA ILE B 285 11.29 20.14 -22.76
C ILE B 285 9.91 20.43 -23.40
N GLU B 286 9.83 21.49 -24.19
CA GLU B 286 8.59 21.71 -24.96
C GLU B 286 8.92 21.53 -26.42
N ILE B 287 8.30 20.56 -27.07
CA ILE B 287 8.73 20.26 -28.45
C ILE B 287 8.03 21.14 -29.49
N GLY B 288 8.81 22.04 -30.11
CA GLY B 288 8.36 22.90 -31.20
C GLY B 288 7.95 24.30 -30.76
#